data_6LJF
#
_entry.id   6LJF
#
_cell.length_a   58.390
_cell.length_b   41.810
_cell.length_c   84.590
_cell.angle_alpha   90.000
_cell.angle_beta   105.232
_cell.angle_gamma   90.000
#
_symmetry.space_group_name_H-M   'C 1 2 1'
#
loop_
_entity.id
_entity.type
_entity.pdbx_description
1 polymer Gelsolin
2 non-polymer 'CALCIUM ION'
3 non-polymer GLYCEROL
4 water water
#
_entity_poly.entity_id   1
_entity_poly.type   'polypeptide(L)'
_entity_poly.pdbx_seq_one_letter_code
;LAKLYKVSNGAGTMSVSLVADENPFAQGALKSEDCFILDHGKDGKIFVWKGKQANTEERKAALKTASDFITKMDYPKQTQ
VSVLPEGGETPLFKQFFKNWR
;
_entity_poly.pdbx_strand_id   A,B
#
loop_
_chem_comp.id
_chem_comp.type
_chem_comp.name
_chem_comp.formula
CA non-polymer 'CALCIUM ION' 'Ca 2'
GOL non-polymer GLYCEROL 'C3 H8 O3'
#
# COMPACT_ATOMS: atom_id res chain seq x y z
N LEU A 1 -6.01 0.25 -24.74
CA LEU A 1 -4.72 0.26 -24.05
C LEU A 1 -4.76 1.10 -22.78
N ALA A 2 -4.17 0.55 -21.71
CA ALA A 2 -4.09 1.30 -20.47
C ALA A 2 -3.13 2.48 -20.62
N LYS A 3 -3.32 3.47 -19.74
CA LYS A 3 -2.41 4.60 -19.63
C LYS A 3 -1.97 4.74 -18.18
N LEU A 4 -0.75 5.21 -18.01
CA LEU A 4 -0.18 5.43 -16.69
C LEU A 4 0.11 6.91 -16.54
N TYR A 5 -0.38 7.51 -15.45
CA TYR A 5 -0.19 8.91 -15.15
C TYR A 5 0.58 9.08 -13.85
N LYS A 6 1.46 10.07 -13.83
CA LYS A 6 2.11 10.53 -12.60
C LYS A 6 1.28 11.63 -11.95
N VAL A 7 1.17 11.56 -10.63
CA VAL A 7 0.50 12.59 -9.82
C VAL A 7 1.56 13.13 -8.88
N SER A 8 1.97 14.39 -9.08
CA SER A 8 3.12 14.90 -8.36
C SER A 8 2.99 16.41 -8.21
N ASN A 9 3.45 16.93 -7.07
CA ASN A 9 3.66 18.36 -6.97
C ASN A 9 5.15 18.71 -6.86
N GLY A 10 6.02 17.80 -7.28
CA GLY A 10 7.46 18.03 -7.23
C GLY A 10 7.95 19.16 -8.10
N ALA A 11 7.22 19.50 -9.16
CA ALA A 11 7.64 20.53 -10.10
C ALA A 11 7.04 21.90 -9.77
N GLY A 12 6.33 22.02 -8.66
CA GLY A 12 5.92 23.33 -8.17
C GLY A 12 4.43 23.58 -8.20
N THR A 13 3.66 22.73 -8.87
CA THR A 13 2.20 22.73 -8.79
C THR A 13 1.79 21.26 -8.76
N MET A 14 0.56 21.00 -8.34
CA MET A 14 0.05 19.63 -8.44
C MET A 14 -0.31 19.33 -9.89
N SER A 15 0.34 18.33 -10.47
CA SER A 15 0.16 18.03 -11.88
C SER A 15 -0.12 16.54 -12.07
N VAL A 16 -1.07 16.25 -12.96
CA VAL A 16 -1.34 14.89 -13.43
C VAL A 16 -0.81 14.80 -14.85
N SER A 17 0.24 14.02 -15.07
CA SER A 17 0.90 13.96 -16.36
C SER A 17 0.99 12.52 -16.88
N LEU A 18 0.86 12.38 -18.19
CA LEU A 18 0.99 11.08 -18.81
C LEU A 18 2.45 10.63 -18.82
N VAL A 19 2.72 9.42 -18.33
CA VAL A 19 4.07 8.89 -18.42
C VAL A 19 4.17 7.64 -19.27
N ALA A 20 3.08 6.93 -19.54
CA ALA A 20 3.16 5.74 -20.38
C ALA A 20 1.84 5.53 -21.11
N ASP A 21 1.91 5.33 -22.42
CA ASP A 21 0.72 4.95 -23.17
C ASP A 21 0.95 3.71 -24.04
N GLU A 22 2.06 3.00 -23.84
CA GLU A 22 2.29 1.73 -24.51
C GLU A 22 2.29 0.64 -23.45
N ASN A 23 1.70 -0.50 -23.79
CA ASN A 23 1.48 -1.64 -22.91
C ASN A 23 2.29 -2.83 -23.37
N PRO A 24 2.89 -3.58 -22.45
CA PRO A 24 2.90 -3.45 -20.99
C PRO A 24 3.88 -2.37 -20.48
N PHE A 25 3.66 -1.90 -19.25
CA PHE A 25 4.43 -0.81 -18.68
C PHE A 25 5.73 -1.33 -18.07
N ALA A 26 6.73 -0.45 -18.01
CA ALA A 26 7.94 -0.74 -17.26
C ALA A 26 7.67 -0.68 -15.76
N GLN A 27 8.11 -1.71 -15.02
CA GLN A 27 7.98 -1.67 -13.57
C GLN A 27 8.66 -0.43 -12.98
N GLY A 28 9.80 -0.04 -13.53
CA GLY A 28 10.50 1.15 -13.07
C GLY A 28 9.80 2.47 -13.37
N ALA A 29 8.67 2.45 -14.07
CA ALA A 29 7.89 3.67 -14.25
C ALA A 29 7.32 4.15 -12.93
N LEU A 30 7.12 3.24 -11.97
CA LEU A 30 6.58 3.61 -10.67
C LEU A 30 7.70 4.13 -9.80
N LYS A 31 7.65 5.42 -9.49
CA LYS A 31 8.67 6.11 -8.70
C LYS A 31 8.15 6.37 -7.29
N SER A 32 8.96 5.98 -6.30
CA SER A 32 8.53 6.04 -4.91
CA SER A 32 8.54 6.04 -4.91
C SER A 32 8.18 7.44 -4.45
N GLU A 33 8.70 8.49 -5.10
CA GLU A 33 8.47 9.85 -4.63
C GLU A 33 7.09 10.39 -4.97
N ASP A 34 6.30 9.70 -5.81
CA ASP A 34 5.03 10.26 -6.29
C ASP A 34 3.93 9.19 -6.21
N CYS A 35 2.71 9.59 -6.56
CA CYS A 35 1.63 8.64 -6.81
C CYS A 35 1.43 8.48 -8.31
N PHE A 36 0.81 7.36 -8.68
CA PHE A 36 0.51 7.10 -10.09
C PHE A 36 -0.91 6.58 -10.22
N ILE A 37 -1.53 6.87 -11.36
CA ILE A 37 -2.86 6.38 -11.71
C ILE A 37 -2.71 5.48 -12.92
N LEU A 38 -3.13 4.24 -12.79
CA LEU A 38 -3.17 3.31 -13.92
C LEU A 38 -4.62 3.26 -14.36
N ASP A 39 -4.88 3.85 -15.53
CA ASP A 39 -6.24 3.93 -16.06
C ASP A 39 -6.45 2.85 -17.11
N HIS A 40 -7.25 1.84 -16.74
CA HIS A 40 -7.85 0.93 -17.71
C HIS A 40 -9.36 0.90 -17.48
N GLY A 41 -9.92 2.11 -17.41
CA GLY A 41 -11.31 2.29 -16.96
C GLY A 41 -12.37 1.68 -17.86
N LYS A 42 -12.05 1.38 -19.13
CA LYS A 42 -13.07 0.85 -20.04
C LYS A 42 -13.68 -0.44 -19.51
N ASP A 43 -12.92 -1.27 -18.81
CA ASP A 43 -13.49 -2.41 -18.12
C ASP A 43 -13.47 -2.24 -16.61
N GLY A 44 -13.47 -0.98 -16.15
CA GLY A 44 -13.60 -0.71 -14.74
C GLY A 44 -12.36 -0.92 -13.91
N LYS A 45 -11.18 -0.97 -14.52
CA LYS A 45 -9.93 -1.17 -13.79
C LYS A 45 -9.17 0.16 -13.75
N ILE A 46 -9.23 0.83 -12.60
CA ILE A 46 -8.48 2.05 -12.35
C ILE A 46 -7.77 1.89 -11.02
N PHE A 47 -6.44 2.11 -11.01
CA PHE A 47 -5.65 1.93 -9.80
C PHE A 47 -4.96 3.24 -9.43
N VAL A 48 -4.84 3.47 -8.12
CA VAL A 48 -3.93 4.47 -7.59
C VAL A 48 -2.80 3.73 -6.90
N TRP A 49 -1.57 4.01 -7.30
CA TRP A 49 -0.37 3.43 -6.70
C TRP A 49 0.30 4.53 -5.90
N LYS A 50 0.50 4.31 -4.61
CA LYS A 50 1.01 5.32 -3.70
C LYS A 50 2.49 5.06 -3.44
N GLY A 51 3.37 5.86 -4.01
CA GLY A 51 4.78 5.73 -3.67
C GLY A 51 5.02 6.00 -2.19
N LYS A 52 5.96 5.25 -1.61
CA LYS A 52 6.15 5.33 -0.17
C LYS A 52 6.63 6.71 0.27
N GLN A 53 7.29 7.46 -0.62
CA GLN A 53 7.74 8.81 -0.30
C GLN A 53 6.89 9.89 -0.93
N ALA A 54 5.73 9.54 -1.48
CA ALA A 54 4.80 10.59 -1.91
C ALA A 54 4.27 11.33 -0.69
N ASN A 55 3.74 12.53 -0.91
CA ASN A 55 3.21 13.32 0.20
C ASN A 55 1.69 13.26 0.26
N THR A 56 1.16 13.81 1.36
CA THR A 56 -0.27 13.75 1.62
C THR A 56 -1.08 14.40 0.50
N GLU A 57 -0.60 15.53 -0.03
CA GLU A 57 -1.32 16.22 -1.09
C GLU A 57 -1.38 15.37 -2.35
N GLU A 58 -0.29 14.69 -2.67
CA GLU A 58 -0.25 13.82 -3.84
C GLU A 58 -1.20 12.63 -3.70
N ARG A 59 -1.23 11.99 -2.53
CA ARG A 59 -2.17 10.90 -2.31
C ARG A 59 -3.61 11.38 -2.47
N LYS A 60 -3.94 12.53 -1.88
CA LYS A 60 -5.30 13.04 -1.98
C LYS A 60 -5.65 13.39 -3.42
N ALA A 61 -4.71 14.01 -4.13
CA ALA A 61 -4.98 14.40 -5.51
C ALA A 61 -5.12 13.19 -6.41
N ALA A 62 -4.32 12.14 -6.16
CA ALA A 62 -4.42 10.98 -7.02
C ALA A 62 -5.76 10.29 -6.86
N LEU A 63 -6.24 10.19 -5.61
CA LEU A 63 -7.54 9.55 -5.37
C LEU A 63 -8.65 10.38 -6.00
N LYS A 64 -8.60 11.70 -5.83
CA LYS A 64 -9.66 12.53 -6.40
C LYS A 64 -9.65 12.45 -7.92
N THR A 65 -8.46 12.52 -8.51
CA THR A 65 -8.35 12.49 -9.96
C THR A 65 -8.83 11.15 -10.54
N ALA A 66 -8.42 10.03 -9.91
CA ALA A 66 -8.84 8.72 -10.40
C ALA A 66 -10.35 8.57 -10.34
N SER A 67 -10.97 9.07 -9.26
CA SER A 67 -12.43 9.05 -9.17
C SER A 67 -13.07 9.98 -10.21
N ASP A 68 -12.47 11.16 -10.43
CA ASP A 68 -12.96 12.05 -11.46
C ASP A 68 -12.91 11.41 -12.84
N PHE A 69 -11.88 10.58 -13.12
CA PHE A 69 -11.77 9.94 -14.42
C PHE A 69 -13.04 9.15 -14.74
N ILE A 70 -13.65 8.54 -13.73
CA ILE A 70 -14.84 7.73 -13.98
C ILE A 70 -15.92 8.58 -14.63
N THR A 71 -16.14 9.78 -14.09
CA THR A 71 -17.15 10.67 -14.66
C THR A 71 -16.68 11.27 -15.98
N LYS A 72 -15.44 11.76 -16.02
CA LYS A 72 -15.03 12.54 -17.17
C LYS A 72 -14.77 11.67 -18.39
N MET A 73 -14.36 10.41 -18.22
CA MET A 73 -14.16 9.53 -19.36
C MET A 73 -15.33 8.60 -19.60
N ASP A 74 -16.42 8.72 -18.83
CA ASP A 74 -17.63 7.93 -19.06
C ASP A 74 -17.36 6.44 -18.88
N TYR A 75 -16.61 6.10 -17.83
CA TYR A 75 -16.34 4.72 -17.48
C TYR A 75 -17.57 4.15 -16.80
N PRO A 76 -17.66 2.82 -16.63
CA PRO A 76 -18.87 2.25 -16.02
C PRO A 76 -19.11 2.84 -14.64
N LYS A 77 -20.37 3.18 -14.35
CA LYS A 77 -20.65 3.95 -13.14
C LYS A 77 -20.34 3.20 -11.86
N GLN A 78 -20.28 1.86 -11.90
CA GLN A 78 -19.97 1.09 -10.70
C GLN A 78 -18.47 0.89 -10.50
N THR A 79 -17.65 1.51 -11.35
CA THR A 79 -16.20 1.38 -11.23
C THR A 79 -15.72 1.85 -9.86
N GLN A 80 -14.87 1.05 -9.24
CA GLN A 80 -14.28 1.37 -7.94
C GLN A 80 -12.78 1.50 -8.13
N VAL A 81 -12.21 2.60 -7.65
CA VAL A 81 -10.77 2.78 -7.74
C VAL A 81 -10.09 1.81 -6.78
N SER A 82 -9.10 1.08 -7.29
CA SER A 82 -8.29 0.17 -6.48
CA SER A 82 -8.29 0.17 -6.48
C SER A 82 -7.06 0.92 -6.00
N VAL A 83 -6.91 1.08 -4.69
CA VAL A 83 -5.83 1.86 -4.09
C VAL A 83 -4.80 0.89 -3.54
N LEU A 84 -3.55 1.05 -3.98
CA LEU A 84 -2.48 0.11 -3.66
C LEU A 84 -1.28 0.89 -3.15
N PRO A 85 -0.65 0.47 -2.06
CA PRO A 85 0.61 1.08 -1.64
C PRO A 85 1.78 0.42 -2.34
N GLU A 86 2.86 1.20 -2.51
CA GLU A 86 4.12 0.61 -2.92
C GLU A 86 4.41 -0.61 -2.06
N GLY A 87 4.71 -1.75 -2.71
CA GLY A 87 5.00 -3.00 -2.02
C GLY A 87 3.79 -3.82 -1.66
N GLY A 88 2.58 -3.32 -1.92
CA GLY A 88 1.37 -4.08 -1.67
C GLY A 88 0.61 -4.36 -2.95
N GLU A 89 1.33 -4.38 -4.09
CA GLU A 89 0.68 -4.54 -5.38
C GLU A 89 0.06 -5.93 -5.52
N THR A 90 -1.07 -5.99 -6.20
CA THR A 90 -1.83 -7.20 -6.45
C THR A 90 -1.52 -7.76 -7.83
N PRO A 91 -1.77 -9.05 -8.05
CA PRO A 91 -1.60 -9.60 -9.41
C PRO A 91 -2.33 -8.83 -10.48
N LEU A 92 -3.54 -8.34 -10.21
CA LEU A 92 -4.31 -7.62 -11.23
C LEU A 92 -3.59 -6.35 -11.66
N PHE A 93 -2.88 -5.72 -10.74
CA PHE A 93 -2.09 -4.54 -11.07
C PHE A 93 -0.81 -4.93 -11.78
N LYS A 94 -0.12 -5.94 -11.26
CA LYS A 94 1.17 -6.32 -11.83
C LYS A 94 1.05 -6.82 -13.26
N GLN A 95 -0.10 -7.38 -13.63
CA GLN A 95 -0.30 -7.88 -15.00
C GLN A 95 -0.14 -6.78 -16.05
N PHE A 96 -0.29 -5.52 -15.65
CA PHE A 96 -0.10 -4.43 -16.61
C PHE A 96 1.36 -4.13 -16.89
N PHE A 97 2.28 -4.81 -16.24
CA PHE A 97 3.69 -4.48 -16.30
C PHE A 97 4.46 -5.64 -16.90
N LYS A 98 5.58 -5.31 -17.53
CA LYS A 98 6.42 -6.31 -18.18
C LYS A 98 7.34 -6.98 -17.16
N ASN A 99 7.21 -8.30 -17.00
CA ASN A 99 8.14 -9.09 -16.19
CA ASN A 99 8.15 -9.08 -16.21
C ASN A 99 8.33 -8.51 -14.80
N TRP A 100 7.20 -8.25 -14.11
CA TRP A 100 7.28 -7.76 -12.75
C TRP A 100 8.05 -8.74 -11.89
N ARG A 101 9.05 -8.23 -11.17
CA ARG A 101 9.77 -9.07 -10.22
C ARG A 101 10.03 -8.32 -8.92
N LEU B 1 -4.58 2.37 21.27
CA LEU B 1 -5.66 1.53 20.80
C LEU B 1 -5.21 0.69 19.60
N ALA B 2 -4.05 1.01 19.04
CA ALA B 2 -3.51 0.18 17.97
C ALA B 2 -2.98 -1.13 18.52
N LYS B 3 -2.97 -2.15 17.67
CA LYS B 3 -2.45 -3.45 18.08
C LYS B 3 -1.43 -3.92 17.07
N LEU B 4 -0.46 -4.69 17.54
CA LEU B 4 0.61 -5.21 16.69
C LEU B 4 0.50 -6.72 16.65
N TYR B 5 0.49 -7.27 15.43
CA TYR B 5 0.42 -8.72 15.20
C TYR B 5 1.67 -9.19 14.48
N LYS B 6 2.12 -10.38 14.83
CA LYS B 6 3.17 -11.08 14.10
C LYS B 6 2.52 -11.99 13.06
N VAL B 7 3.14 -12.04 11.88
CA VAL B 7 2.76 -12.96 10.81
C VAL B 7 3.99 -13.83 10.57
N SER B 8 3.89 -15.13 10.91
CA SER B 8 5.07 -15.97 10.87
C SER B 8 4.65 -17.41 10.57
N ASN B 9 5.49 -18.12 9.80
CA ASN B 9 5.37 -19.58 9.77
C ASN B 9 6.53 -20.25 10.49
N GLY B 10 7.21 -19.51 11.37
CA GLY B 10 8.33 -20.05 12.11
C GLY B 10 7.98 -21.19 13.05
N ALA B 11 6.74 -21.26 13.54
CA ALA B 11 6.34 -22.32 14.47
C ALA B 11 5.80 -23.54 13.74
N GLY B 12 5.86 -23.55 12.41
CA GLY B 12 5.52 -24.72 11.61
C GLY B 12 4.25 -24.60 10.79
N THR B 13 3.41 -23.59 11.05
CA THR B 13 2.26 -23.25 10.22
C THR B 13 2.23 -21.73 10.13
N MET B 14 1.52 -21.21 9.14
CA MET B 14 1.38 -19.75 9.07
C MET B 14 0.41 -19.30 10.14
N SER B 15 0.82 -18.34 10.96
CA SER B 15 0.01 -17.91 12.07
C SER B 15 0.08 -16.39 12.22
N VAL B 16 -1.07 -15.78 12.50
CA VAL B 16 -1.19 -14.36 12.82
C VAL B 16 -1.48 -14.29 14.32
N SER B 17 -0.55 -13.71 15.10
CA SER B 17 -0.70 -13.71 16.55
C SER B 17 -0.45 -12.31 17.12
N LEU B 18 -1.15 -12.00 18.19
CA LEU B 18 -1.02 -10.71 18.85
C LEU B 18 0.30 -10.63 19.62
N VAL B 19 1.07 -9.58 19.37
CA VAL B 19 2.30 -9.38 20.14
C VAL B 19 2.31 -8.07 20.93
N ALA B 20 1.44 -7.11 20.65
CA ALA B 20 1.40 -5.90 21.48
C ALA B 20 0.03 -5.26 21.42
N ASP B 21 -0.48 -4.89 22.60
CA ASP B 21 -1.72 -4.11 22.69
C ASP B 21 -1.60 -2.94 23.66
N GLU B 22 -0.40 -2.63 24.11
CA GLU B 22 -0.11 -1.44 24.92
CA GLU B 22 -0.13 -1.44 24.91
C GLU B 22 0.65 -0.46 24.04
N ASN B 23 0.24 0.82 24.08
CA ASN B 23 0.83 1.83 23.20
C ASN B 23 1.57 2.87 24.03
N PRO B 24 2.67 3.43 23.53
CA PRO B 24 3.36 3.12 22.27
C PRO B 24 4.11 1.78 22.31
N PHE B 25 4.34 1.20 21.13
CA PHE B 25 5.01 -0.08 21.02
C PHE B 25 6.52 0.05 21.19
N ALA B 26 7.15 -1.05 21.58
CA ALA B 26 8.60 -1.14 21.60
C ALA B 26 9.12 -1.40 20.18
N GLN B 27 10.11 -0.63 19.76
CA GLN B 27 10.74 -0.88 18.46
C GLN B 27 11.26 -2.31 18.34
N GLY B 28 11.79 -2.88 19.44
CA GLY B 28 12.30 -4.24 19.44
C GLY B 28 11.26 -5.31 19.21
N ALA B 29 9.97 -4.96 19.22
CA ALA B 29 8.94 -5.93 18.90
C ALA B 29 9.03 -6.38 17.44
N LEU B 30 9.56 -5.53 16.57
CA LEU B 30 9.69 -5.85 15.14
C LEU B 30 10.92 -6.72 14.93
N LYS B 31 10.72 -8.02 14.71
CA LYS B 31 11.81 -8.96 14.51
C LYS B 31 12.04 -9.19 13.03
N SER B 32 13.31 -9.07 12.61
CA SER B 32 13.67 -9.15 11.20
C SER B 32 13.23 -10.47 10.55
N GLU B 33 13.08 -11.53 11.33
CA GLU B 33 12.77 -12.83 10.74
C GLU B 33 11.31 -12.98 10.32
N ASP B 34 10.44 -12.05 10.69
CA ASP B 34 9.01 -12.23 10.44
C ASP B 34 8.44 -10.96 9.80
N CYS B 35 7.14 -11.00 9.50
CA CYS B 35 6.38 -9.81 9.17
C CYS B 35 5.46 -9.44 10.32
N PHE B 36 5.01 -8.18 10.31
CA PHE B 36 4.12 -7.69 11.35
C PHE B 36 3.06 -6.80 10.74
N ILE B 37 1.88 -6.81 11.35
CA ILE B 37 0.77 -5.95 10.97
C ILE B 37 0.51 -5.02 12.13
N LEU B 38 0.60 -3.72 11.87
CA LEU B 38 0.21 -2.70 12.84
C LEU B 38 -1.21 -2.27 12.49
N ASP B 39 -2.16 -2.66 13.33
CA ASP B 39 -3.58 -2.44 13.09
C ASP B 39 -4.03 -1.16 13.81
N HIS B 40 -4.29 -0.10 13.05
CA HIS B 40 -5.00 1.06 13.57
C HIS B 40 -6.26 1.30 12.75
N GLY B 41 -6.96 0.22 12.43
CA GLY B 41 -8.03 0.26 11.46
C GLY B 41 -9.25 1.04 11.89
N LYS B 42 -9.46 1.21 13.19
CA LYS B 42 -10.55 2.09 13.61
C LYS B 42 -10.31 3.51 13.13
N ASP B 43 -9.05 3.92 13.07
CA ASP B 43 -8.64 5.19 12.52
C ASP B 43 -8.32 5.09 11.04
N GLY B 44 -8.70 3.99 10.39
CA GLY B 44 -8.56 3.89 8.96
C GLY B 44 -7.14 3.70 8.45
N LYS B 45 -6.24 3.11 9.26
CA LYS B 45 -4.86 2.90 8.82
C LYS B 45 -4.35 1.53 9.28
N ILE B 46 -3.80 0.76 8.35
CA ILE B 46 -3.16 -0.50 8.67
C ILE B 46 -1.79 -0.50 8.00
N PHE B 47 -0.79 -1.05 8.68
CA PHE B 47 0.56 -1.07 8.17
C PHE B 47 1.07 -2.50 8.15
N VAL B 48 1.80 -2.86 7.10
CA VAL B 48 2.48 -4.15 7.00
C VAL B 48 3.97 -3.86 7.02
N TRP B 49 4.68 -4.48 7.95
CA TRP B 49 6.13 -4.35 8.07
C TRP B 49 6.78 -5.68 7.71
N LYS B 50 7.73 -5.66 6.77
CA LYS B 50 8.35 -6.87 6.23
C LYS B 50 9.78 -6.97 6.73
N GLY B 51 10.05 -7.88 7.67
CA GLY B 51 11.41 -8.08 8.12
C GLY B 51 12.31 -8.55 7.00
N LYS B 52 13.56 -8.11 7.05
CA LYS B 52 14.51 -8.46 5.98
C LYS B 52 14.70 -9.96 5.87
N GLN B 53 14.55 -10.69 6.97
CA GLN B 53 14.74 -12.13 7.00
C GLN B 53 13.43 -12.91 6.91
N ALA B 54 12.30 -12.22 6.71
CA ALA B 54 11.04 -12.91 6.49
C ALA B 54 11.03 -13.60 5.13
N ASN B 55 10.30 -14.69 5.02
CA ASN B 55 10.27 -15.44 3.77
C ASN B 55 9.08 -15.01 2.90
N THR B 56 9.10 -15.50 1.64
CA THR B 56 8.08 -15.09 0.68
C THR B 56 6.68 -15.41 1.17
N GLU B 57 6.50 -16.57 1.78
CA GLU B 57 5.19 -16.99 2.27
C GLU B 57 4.65 -16.00 3.32
N GLU B 58 5.54 -15.53 4.21
CA GLU B 58 5.13 -14.61 5.26
C GLU B 58 4.77 -13.25 4.70
N ARG B 59 5.54 -12.77 3.72
CA ARG B 59 5.24 -11.47 3.10
CA ARG B 59 5.24 -11.48 3.09
C ARG B 59 3.88 -11.51 2.41
N LYS B 60 3.60 -12.56 1.66
CA LYS B 60 2.29 -12.67 1.00
C LYS B 60 1.17 -12.80 2.01
N ALA B 61 1.39 -13.60 3.08
CA ALA B 61 0.34 -13.75 4.08
C ALA B 61 0.10 -12.45 4.84
N ALA B 62 1.15 -11.67 5.08
CA ALA B 62 0.96 -10.40 5.77
C ALA B 62 0.11 -9.44 4.95
N LEU B 63 0.38 -9.34 3.65
CA LEU B 63 -0.40 -8.46 2.79
C LEU B 63 -1.86 -8.90 2.74
N LYS B 64 -2.08 -10.20 2.60
CA LYS B 64 -3.46 -10.70 2.51
C LYS B 64 -4.21 -10.47 3.82
N THR B 65 -3.55 -10.74 4.95
CA THR B 65 -4.19 -10.58 6.24
C THR B 65 -4.56 -9.13 6.50
N ALA B 66 -3.68 -8.18 6.12
CA ALA B 66 -4.04 -6.77 6.31
C ALA B 66 -5.33 -6.42 5.56
N SER B 67 -5.46 -6.88 4.33
CA SER B 67 -6.69 -6.60 3.60
C SER B 67 -7.88 -7.33 4.22
N ASP B 68 -7.68 -8.58 4.66
CA ASP B 68 -8.75 -9.32 5.31
C ASP B 68 -9.22 -8.63 6.59
N PHE B 69 -8.29 -8.00 7.33
CA PHE B 69 -8.68 -7.27 8.54
C PHE B 69 -9.77 -6.23 8.24
N ILE B 70 -9.67 -5.55 7.10
CA ILE B 70 -10.60 -4.46 6.80
C ILE B 70 -12.02 -5.00 6.66
N THR B 71 -12.19 -6.07 5.88
CA THR B 71 -13.52 -6.61 5.67
C THR B 71 -14.03 -7.31 6.93
N LYS B 72 -13.14 -7.92 7.69
CA LYS B 72 -13.59 -8.73 8.83
C LYS B 72 -13.93 -7.89 10.05
N MET B 73 -13.20 -6.80 10.28
CA MET B 73 -13.41 -6.00 11.47
C MET B 73 -14.33 -4.82 11.22
N ASP B 74 -14.95 -4.74 10.04
CA ASP B 74 -15.81 -3.62 9.66
C ASP B 74 -15.07 -2.29 9.81
N TYR B 75 -13.82 -2.27 9.35
CA TYR B 75 -13.05 -1.04 9.30
C TYR B 75 -13.56 -0.16 8.15
N PRO B 76 -13.24 1.13 8.16
CA PRO B 76 -13.70 2.00 7.05
C PRO B 76 -13.33 1.43 5.69
N LYS B 77 -14.26 1.60 4.74
CA LYS B 77 -14.02 1.08 3.40
C LYS B 77 -12.74 1.66 2.81
N GLN B 78 -12.45 2.93 3.11
CA GLN B 78 -11.31 3.65 2.58
C GLN B 78 -10.05 3.49 3.44
N THR B 79 -10.04 2.54 4.37
CA THR B 79 -8.86 2.31 5.21
C THR B 79 -7.60 2.25 4.35
N GLN B 80 -6.56 2.96 4.80
CA GLN B 80 -5.32 3.10 4.03
C GLN B 80 -4.32 2.05 4.51
N VAL B 81 -3.80 1.26 3.58
CA VAL B 81 -2.76 0.28 3.86
C VAL B 81 -1.44 0.87 3.41
N SER B 82 -0.41 0.69 4.24
CA SER B 82 0.95 1.15 3.97
C SER B 82 1.90 -0.04 4.21
N VAL B 83 2.84 -0.26 3.29
CA VAL B 83 3.73 -1.41 3.35
C VAL B 83 5.15 -0.89 3.54
N LEU B 84 5.83 -1.37 4.57
CA LEU B 84 7.15 -0.87 4.96
C LEU B 84 8.14 -2.02 4.94
N PRO B 85 9.20 -1.98 4.15
CA PRO B 85 10.30 -2.91 4.36
C PRO B 85 11.08 -2.51 5.60
N GLU B 86 11.65 -3.50 6.29
CA GLU B 86 12.59 -3.18 7.35
C GLU B 86 13.63 -2.18 6.86
N GLY B 87 13.82 -1.09 7.60
CA GLY B 87 14.75 -0.05 7.23
C GLY B 87 14.18 1.01 6.33
N GLY B 88 12.97 0.79 5.81
CA GLY B 88 12.32 1.77 4.96
C GLY B 88 11.01 2.25 5.56
N GLU B 89 10.97 2.33 6.88
CA GLU B 89 9.77 2.78 7.59
C GLU B 89 9.53 4.27 7.40
N THR B 90 8.26 4.65 7.32
CA THR B 90 7.83 6.04 7.24
C THR B 90 7.75 6.67 8.63
N PRO B 91 7.85 8.00 8.71
CA PRO B 91 7.66 8.65 10.01
C PRO B 91 6.30 8.35 10.63
N LEU B 92 5.26 8.22 9.81
CA LEU B 92 3.94 7.88 10.35
C LEU B 92 3.97 6.54 11.07
N PHE B 93 4.63 5.55 10.47
CA PHE B 93 4.75 4.25 11.13
C PHE B 93 5.56 4.36 12.42
N LYS B 94 6.70 5.05 12.36
CA LYS B 94 7.61 5.11 13.50
C LYS B 94 6.97 5.80 14.70
N GLN B 95 6.04 6.72 14.44
CA GLN B 95 5.35 7.45 15.49
C GLN B 95 4.61 6.53 16.48
N PHE B 96 4.24 5.32 16.05
CA PHE B 96 3.56 4.38 16.94
C PHE B 96 4.51 3.77 17.96
N PHE B 97 5.80 4.04 17.89
CA PHE B 97 6.79 3.37 18.72
C PHE B 97 7.44 4.34 19.71
N LYS B 98 7.97 3.78 20.79
CA LYS B 98 8.38 4.58 21.94
C LYS B 98 9.43 5.62 21.57
N ASN B 99 10.53 5.20 20.93
CA ASN B 99 11.62 6.10 20.61
CA ASN B 99 11.62 6.11 20.60
C ASN B 99 12.50 5.51 19.51
N TRP B 100 12.06 5.61 18.26
CA TRP B 100 12.73 4.95 17.15
C TRP B 100 14.19 5.37 17.00
N ARG B 101 15.09 4.38 17.02
CA ARG B 101 16.54 4.62 16.94
C ARG B 101 17.23 3.75 15.89
CA CA C . 6.33 13.76 -4.73
C1 GOL D . 3.16 12.20 3.77
O1 GOL D . 4.24 11.36 3.83
C2 GOL D . 3.56 13.60 4.17
O2 GOL D . 2.93 14.54 3.43
C3 GOL D . 3.14 13.73 5.62
O3 GOL D . 3.02 15.10 5.88
C1 GOL E . 4.33 8.41 -23.68
O1 GOL E . 4.60 8.05 -25.01
C2 GOL E . 4.92 9.82 -23.43
O2 GOL E . 5.47 10.40 -24.57
C3 GOL E . 5.97 9.60 -22.32
O3 GOL E . 6.22 10.84 -21.72
CA CA F . 10.00 -16.10 9.50
#